data_4HUM
#
_entry.id   4HUM
#
_cell.length_a   119.026
_cell.length_b   119.026
_cell.length_c   227.476
_cell.angle_alpha   90.00
_cell.angle_beta   90.00
_cell.angle_gamma   120.00
#
_symmetry.space_group_name_H-M   'P 32 2 1'
#
loop_
_entity.id
_entity.type
_entity.pdbx_description
1 polymer 'Multidrug efflux protein'
2 polymer 'Protein B'
3 non-polymer ETHIDIUM
#
loop_
_entity_poly.entity_id
_entity_poly.type
_entity_poly.pdbx_seq_one_letter_code
_entity_poly.pdbx_strand_id
1 'polypeptide(L)'
;LDRFSFSVFLKEIRLLTALALPMLLAQVAQVGIGFVDTVMAGGAGKEDLAAVALGSSAFATVYITFMGIMAALNPMIAQL
YGAGKTGEAGETGRQGIWFGLILGIFGMILMWAAITPFRNWLTLSDYVEGTMAQYMLFTSLAMPAAMVHRALHAYASSLN
RPRLIMLVSFAAFVLNVPLNYIFVYGKFGMPALGGAGCGVATMAVFWFSALALWIYIAKEKFFRPFGLTAKFGKPDWAVF
KQIWKIGAPIGLSYFLEASAFSFIVFLIAPFGEDYVAAQQVGISLSGILYMIPQSVGSAGTVRIGFSLGRREFSRARYIS
GVSLVSGWVLAVITVLSLVLFRSPLASMYNDDPAVLSIASTVLLFAGLFQPADFTQCIASYALRGYKVTKVPMFIHAAAF
WGCGLLPGYLLAYRFDMGIYGFWTALIASLTIAAVALVWCLEKYSMELVKSHKAVSSGL
;
A
2 'polypeptide(L)'
;ENLYFQGSVSSVPTKLEVVAATPTSLLISWDARGEYVVYYRITYGETGGNSPVQEFTVPGSSSTATISGLSPGVDYTITV
YARSYYWGWYSPISINYRT
;
B
#
loop_
_chem_comp.id
_chem_comp.type
_chem_comp.name
_chem_comp.formula
ET non-polymer ETHIDIUM 'C21 H20 N3 1'
#
# COMPACT_ATOMS: atom_id res chain seq x y z
N LEU A 1 15.43 28.79 -0.30
CA LEU A 1 16.54 28.11 0.44
C LEU A 1 16.35 28.21 1.97
N ASP A 2 15.11 27.98 2.42
CA ASP A 2 14.76 27.84 3.84
C ASP A 2 13.66 26.79 4.00
N ARG A 3 12.60 26.92 3.19
CA ARG A 3 11.55 25.92 3.06
C ARG A 3 11.08 25.83 1.59
N PHE A 4 11.77 25.01 0.78
CA PHE A 4 11.28 24.70 -0.57
C PHE A 4 10.10 23.73 -0.44
N SER A 5 9.90 23.21 0.77
CA SER A 5 8.66 22.55 1.19
C SER A 5 7.65 23.69 1.49
N PHE A 6 6.74 23.93 0.54
CA PHE A 6 5.87 25.14 0.48
C PHE A 6 5.12 25.52 1.78
N SER A 7 3.85 25.10 1.86
CA SER A 7 2.99 25.40 2.99
C SER A 7 2.71 24.11 3.78
N VAL A 8 3.69 23.68 4.58
CA VAL A 8 3.66 22.39 5.29
C VAL A 8 2.57 22.30 6.39
N PHE A 9 2.54 23.30 7.27
CA PHE A 9 1.62 23.33 8.42
C PHE A 9 0.17 23.05 8.03
N LEU A 10 -0.33 23.79 7.04
CA LEU A 10 -1.72 23.69 6.60
C LEU A 10 -2.10 22.36 5.94
N LYS A 11 -3.00 21.67 6.62
CA LYS A 11 -3.69 20.52 6.12
C LYS A 11 -4.93 20.51 7.04
N GLU A 12 -5.49 21.71 7.27
CA GLU A 12 -6.44 21.94 8.40
C GLU A 12 -7.53 23.05 8.31
N ILE A 13 -8.77 22.66 8.67
CA ILE A 13 -9.93 23.55 8.93
C ILE A 13 -10.65 23.03 10.19
N ARG A 14 -11.70 22.23 10.00
CA ARG A 14 -12.31 21.42 11.07
C ARG A 14 -12.45 19.94 10.63
N LEU A 15 -11.29 19.28 10.60
CA LEU A 15 -11.10 17.91 10.07
C LEU A 15 -11.16 16.81 11.15
N LEU A 16 -11.16 17.21 12.42
CA LEU A 16 -11.30 16.30 13.57
C LEU A 16 -12.29 15.17 13.26
N THR A 17 -13.15 15.43 12.27
CA THR A 17 -14.20 14.52 11.88
C THR A 17 -13.77 13.50 10.80
N ALA A 18 -12.46 13.43 10.52
CA ALA A 18 -11.92 12.45 9.57
C ALA A 18 -11.95 11.04 10.14
N LEU A 19 -12.84 10.24 9.56
CA LEU A 19 -13.07 8.85 9.98
C LEU A 19 -12.59 7.82 8.95
N ALA A 20 -11.31 7.53 9.02
CA ALA A 20 -10.75 6.29 8.48
C ALA A 20 -10.61 5.40 9.70
N LEU A 21 -11.76 5.05 10.28
CA LEU A 21 -11.85 4.15 11.45
C LEU A 21 -12.11 2.69 11.07
N PRO A 22 -12.89 2.43 9.99
CA PRO A 22 -12.86 1.09 9.43
C PRO A 22 -11.50 0.74 8.76
N MET A 23 -10.66 1.76 8.54
CA MET A 23 -9.31 1.59 7.98
C MET A 23 -8.28 1.23 9.06
N LEU A 24 -8.78 0.52 10.07
CA LEU A 24 -8.01 -0.02 11.19
C LEU A 24 -8.27 -1.52 11.22
N LEU A 25 -9.53 -1.86 10.99
CA LEU A 25 -9.97 -3.24 10.89
C LEU A 25 -9.38 -3.88 9.62
N ALA A 26 -9.02 -3.01 8.67
CA ALA A 26 -8.16 -3.35 7.53
C ALA A 26 -6.81 -3.94 8.03
N GLN A 27 -6.25 -3.38 9.11
CA GLN A 27 -5.00 -3.88 9.68
C GLN A 27 -5.13 -4.42 11.12
N VAL A 28 -6.31 -4.96 11.43
CA VAL A 28 -6.52 -5.79 12.64
C VAL A 28 -6.90 -7.20 12.19
N ALA A 29 -7.30 -7.30 10.91
CA ALA A 29 -7.43 -8.58 10.23
C ALA A 29 -6.04 -9.03 9.82
N GLN A 30 -5.12 -8.08 9.91
CA GLN A 30 -3.73 -8.22 9.48
C GLN A 30 -2.84 -8.64 10.64
N VAL A 31 -3.34 -8.36 11.85
CA VAL A 31 -2.78 -8.95 13.04
C VAL A 31 -3.42 -10.33 13.20
N GLY A 32 -4.59 -10.48 12.58
CA GLY A 32 -5.25 -11.78 12.45
C GLY A 32 -4.47 -12.77 11.59
N ILE A 33 -3.72 -12.25 10.63
CA ILE A 33 -2.76 -13.08 9.86
C ILE A 33 -1.40 -13.06 10.60
N GLY A 34 -0.92 -11.85 10.93
CA GLY A 34 0.33 -11.70 11.62
C GLY A 34 0.52 -12.84 12.61
N PHE A 35 -0.57 -13.18 13.31
CA PHE A 35 -0.51 -14.01 14.51
C PHE A 35 -0.72 -15.54 14.37
N VAL A 36 -0.79 -16.03 13.14
CA VAL A 36 -0.71 -17.47 12.97
C VAL A 36 0.76 -17.84 13.17
N ASP A 37 1.65 -17.13 12.47
CA ASP A 37 3.10 -17.40 12.52
C ASP A 37 3.57 -18.03 13.82
N THR A 38 3.27 -17.37 14.95
CA THR A 38 3.66 -17.85 16.28
C THR A 38 2.89 -19.11 16.67
N VAL A 39 1.65 -19.24 16.18
CA VAL A 39 0.91 -20.48 16.37
C VAL A 39 1.45 -21.64 15.54
N MET A 40 2.58 -21.40 14.85
CA MET A 40 3.36 -22.49 14.25
C MET A 40 4.88 -22.25 14.27
N ALA A 41 5.32 -21.24 15.01
CA ALA A 41 6.68 -21.16 15.51
C ALA A 41 6.63 -21.94 16.84
N GLY A 42 5.74 -21.47 17.71
CA GLY A 42 5.34 -22.19 18.92
C GLY A 42 4.09 -23.05 18.72
N GLY A 43 4.06 -23.77 17.61
CA GLY A 43 3.04 -24.79 17.34
C GLY A 43 3.77 -25.95 16.71
N ALA A 44 4.89 -25.61 16.07
CA ALA A 44 5.86 -26.53 15.45
C ALA A 44 7.27 -26.36 16.05
N GLY A 45 7.29 -26.23 17.37
CA GLY A 45 8.46 -26.47 18.20
C GLY A 45 8.37 -27.90 18.72
N LYS A 46 7.20 -28.50 18.53
CA LYS A 46 7.00 -29.94 18.74
C LYS A 46 8.21 -30.69 18.12
N GLU A 47 8.63 -30.23 16.93
CA GLU A 47 9.97 -30.56 16.37
C GLU A 47 10.97 -29.46 16.79
N ASP A 48 12.05 -29.86 17.46
CA ASP A 48 13.03 -28.92 17.98
C ASP A 48 14.04 -28.45 16.92
N LEU A 49 14.49 -29.36 16.07
CA LEU A 49 15.35 -28.99 14.92
C LEU A 49 14.54 -28.26 13.84
N ALA A 50 13.21 -28.19 14.03
CA ALA A 50 12.31 -27.25 13.31
C ALA A 50 12.15 -25.87 13.98
N ALA A 51 13.32 -25.24 14.11
CA ALA A 51 13.46 -23.87 13.68
C ALA A 51 13.30 -24.19 12.19
N VAL A 52 12.21 -23.68 11.66
CA VAL A 52 11.71 -24.09 10.38
C VAL A 52 11.45 -22.83 9.58
N ALA A 53 11.27 -21.74 10.33
CA ALA A 53 11.17 -20.35 9.85
C ALA A 53 12.35 -20.01 8.92
N LEU A 54 13.41 -20.80 9.06
CA LEU A 54 14.56 -20.83 8.15
C LEU A 54 14.19 -20.90 6.64
N GLY A 55 12.92 -21.16 6.36
CA GLY A 55 12.35 -20.98 5.04
C GLY A 55 11.31 -19.89 5.09
N SER A 56 10.26 -20.12 5.89
CA SER A 56 9.11 -19.22 5.99
C SER A 56 9.48 -17.84 6.55
N SER A 57 10.70 -17.43 6.22
CA SER A 57 11.10 -16.04 6.34
C SER A 57 12.13 -15.71 5.26
N ALA A 58 12.26 -16.62 4.29
CA ALA A 58 12.92 -16.32 3.02
C ALA A 58 12.06 -16.88 1.89
N PHE A 59 10.90 -17.43 2.28
CA PHE A 59 9.74 -17.51 1.39
C PHE A 59 9.12 -16.13 1.41
N ALA A 60 8.72 -15.69 2.62
CA ALA A 60 7.90 -14.49 2.82
C ALA A 60 8.60 -13.20 2.33
N THR A 61 9.57 -13.42 1.47
CA THR A 61 10.38 -12.39 0.88
C THR A 61 9.74 -12.15 -0.49
N VAL A 62 9.69 -13.20 -1.30
CA VAL A 62 8.97 -13.22 -2.59
C VAL A 62 7.46 -13.32 -2.34
N TYR A 63 7.05 -13.12 -1.09
CA TYR A 63 5.68 -12.75 -0.79
C TYR A 63 5.79 -11.27 -0.67
N ILE A 64 5.93 -10.78 0.55
CA ILE A 64 5.92 -9.34 0.79
C ILE A 64 6.59 -8.52 -0.31
N THR A 65 7.61 -9.03 -1.02
CA THR A 65 8.07 -8.29 -2.21
C THR A 65 7.10 -8.21 -3.45
N PHE A 66 6.48 -9.33 -3.83
CA PHE A 66 5.45 -9.35 -4.87
C PHE A 66 4.16 -8.75 -4.27
N MET A 67 3.87 -9.15 -3.03
CA MET A 67 2.81 -8.60 -2.21
C MET A 67 2.73 -7.09 -2.45
N GLY A 68 3.89 -6.47 -2.66
CA GLY A 68 3.95 -5.05 -2.94
C GLY A 68 3.18 -4.78 -4.21
N ILE A 69 3.79 -5.08 -5.36
CA ILE A 69 3.15 -4.96 -6.67
C ILE A 69 1.61 -5.02 -6.61
N MET A 70 1.10 -6.11 -6.00
CA MET A 70 -0.34 -6.39 -5.86
C MET A 70 -1.10 -5.37 -5.00
N ALA A 71 -0.56 -5.05 -3.82
CA ALA A 71 -1.13 -4.00 -2.99
C ALA A 71 -1.05 -2.63 -3.73
N ALA A 72 -0.40 -2.63 -4.90
CA ALA A 72 -0.30 -1.46 -5.77
C ALA A 72 -1.59 -1.14 -6.54
N LEU A 73 -2.52 -2.06 -6.50
CA LEU A 73 -3.86 -1.83 -7.01
C LEU A 73 -4.77 -1.17 -5.96
N ASN A 74 -4.27 -1.01 -4.73
CA ASN A 74 -5.04 -0.36 -3.70
C ASN A 74 -5.71 0.96 -4.21
N PRO A 75 -5.00 1.78 -5.03
CA PRO A 75 -5.57 3.03 -5.54
C PRO A 75 -6.49 2.80 -6.74
N MET A 76 -5.92 2.35 -7.85
CA MET A 76 -6.67 1.83 -9.01
C MET A 76 -8.14 1.65 -8.67
N ILE A 77 -8.41 0.68 -7.81
CA ILE A 77 -9.79 0.25 -7.50
C ILE A 77 -10.51 1.07 -6.39
N ALA A 78 -9.81 2.02 -5.80
CA ALA A 78 -10.49 3.04 -5.00
C ALA A 78 -10.77 4.28 -5.88
N GLN A 79 -9.82 4.61 -6.73
CA GLN A 79 -9.86 5.78 -7.60
C GLN A 79 -10.90 5.67 -8.71
N LEU A 80 -11.39 4.46 -8.92
CA LEU A 80 -12.44 4.21 -9.88
C LEU A 80 -13.76 3.84 -9.18
N TYR A 81 -13.83 4.22 -7.91
CA TYR A 81 -15.06 4.21 -7.12
C TYR A 81 -15.26 5.71 -6.84
N GLY A 82 -14.61 6.49 -7.67
CA GLY A 82 -15.02 7.85 -7.96
C GLY A 82 -15.85 7.81 -9.24
N ALA A 83 -15.60 6.81 -10.08
CA ALA A 83 -16.44 6.52 -11.26
C ALA A 83 -17.63 5.64 -10.83
N GLY A 84 -17.90 4.51 -11.53
CA GLY A 84 -19.11 3.66 -11.22
C GLY A 84 -19.18 2.13 -11.47
N LYS A 85 -18.50 1.68 -12.52
CA LYS A 85 -18.48 0.26 -12.89
C LYS A 85 -17.28 -0.40 -12.24
N THR A 86 -17.53 -0.98 -11.05
CA THR A 86 -16.54 -1.84 -10.38
C THR A 86 -16.36 -3.13 -11.20
N GLY A 87 -16.93 -3.10 -12.41
CA GLY A 87 -16.75 -4.14 -13.43
C GLY A 87 -15.77 -3.68 -14.50
N GLU A 88 -15.59 -2.36 -14.63
CA GLU A 88 -14.44 -1.81 -15.34
C GLU A 88 -13.30 -1.70 -14.33
N ALA A 89 -13.59 -1.13 -13.16
CA ALA A 89 -12.73 -1.33 -12.00
C ALA A 89 -12.46 -2.83 -11.81
N GLY A 90 -13.50 -3.63 -11.97
CA GLY A 90 -13.42 -5.06 -11.88
C GLY A 90 -12.63 -5.72 -12.98
N GLU A 91 -12.77 -5.23 -14.23
CA GLU A 91 -12.03 -5.85 -15.35
C GLU A 91 -10.51 -5.67 -15.17
N THR A 92 -10.14 -4.69 -14.36
CA THR A 92 -8.82 -4.66 -13.77
C THR A 92 -8.78 -5.80 -12.71
N GLY A 93 -9.54 -5.60 -11.61
CA GLY A 93 -9.69 -6.59 -10.53
C GLY A 93 -9.40 -7.97 -11.06
N ARG A 94 -10.09 -8.35 -12.13
CA ARG A 94 -9.75 -9.55 -12.87
C ARG A 94 -8.33 -9.50 -13.49
N GLN A 95 -8.05 -8.49 -14.32
CA GLN A 95 -6.76 -8.41 -15.02
C GLN A 95 -5.61 -8.60 -14.02
N GLY A 96 -5.75 -7.94 -12.88
CA GLY A 96 -4.87 -8.15 -11.74
C GLY A 96 -4.98 -9.55 -11.18
N ILE A 97 -6.19 -9.98 -10.81
CA ILE A 97 -6.37 -11.31 -10.26
C ILE A 97 -5.70 -12.32 -11.17
N TRP A 98 -5.43 -11.89 -12.41
CA TRP A 98 -4.68 -12.67 -13.38
C TRP A 98 -3.23 -12.51 -13.09
N PHE A 99 -2.87 -11.29 -12.73
CA PHE A 99 -1.55 -10.97 -12.18
C PHE A 99 -1.32 -11.80 -10.90
N GLY A 100 -2.09 -11.49 -9.85
CA GLY A 100 -2.02 -12.19 -8.56
C GLY A 100 -2.39 -13.66 -8.67
N LEU A 101 -1.58 -14.37 -9.44
CA LEU A 101 -1.93 -15.71 -9.93
C LEU A 101 -1.04 -15.97 -11.11
N ILE A 102 -0.60 -14.89 -11.75
CA ILE A 102 0.38 -14.99 -12.80
C ILE A 102 1.75 -14.66 -12.19
N LEU A 103 1.83 -13.58 -11.41
CA LEU A 103 3.08 -13.30 -10.75
C LEU A 103 3.12 -14.21 -9.53
N GLY A 104 1.97 -14.74 -9.15
CA GLY A 104 1.87 -15.81 -8.15
C GLY A 104 2.43 -17.15 -8.63
N ILE A 105 2.62 -17.31 -9.94
CA ILE A 105 3.25 -18.51 -10.45
C ILE A 105 4.74 -18.27 -10.77
N PHE A 106 5.22 -17.06 -10.47
CA PHE A 106 6.66 -16.88 -10.41
C PHE A 106 7.06 -16.97 -8.97
N GLY A 107 6.27 -16.35 -8.08
CA GLY A 107 6.40 -16.59 -6.66
C GLY A 107 6.58 -18.09 -6.60
N MET A 108 5.69 -18.78 -7.30
CA MET A 108 5.64 -20.23 -7.30
C MET A 108 6.54 -20.91 -8.32
N ILE A 109 7.46 -20.16 -8.96
CA ILE A 109 8.52 -20.77 -9.80
C ILE A 109 9.91 -20.27 -9.39
N LEU A 110 9.98 -18.99 -9.01
CA LEU A 110 11.18 -18.47 -8.39
C LEU A 110 11.31 -19.17 -7.04
N MET A 111 10.21 -19.77 -6.57
CA MET A 111 10.32 -20.55 -5.38
C MET A 111 10.98 -21.88 -5.66
N TRP A 112 10.55 -22.55 -6.72
CA TRP A 112 11.20 -23.80 -7.16
C TRP A 112 12.68 -23.58 -7.24
N ALA A 113 13.07 -22.61 -8.08
CA ALA A 113 14.45 -22.20 -8.24
C ALA A 113 15.09 -22.15 -6.86
N ALA A 114 14.43 -21.37 -5.99
CA ALA A 114 14.91 -21.00 -4.67
C ALA A 114 15.77 -22.04 -3.97
N ILE A 115 15.26 -23.26 -3.93
CA ILE A 115 15.71 -24.33 -3.01
C ILE A 115 17.16 -24.81 -3.22
N THR A 116 18.10 -23.91 -2.95
CA THR A 116 19.50 -24.25 -2.80
C THR A 116 20.14 -23.30 -1.80
N PRO A 117 19.54 -23.16 -0.58
CA PRO A 117 20.42 -22.82 0.55
C PRO A 117 21.51 -23.89 0.89
N PHE A 118 21.73 -24.84 -0.02
CA PHE A 118 22.96 -25.64 -0.06
C PHE A 118 24.11 -24.72 -0.45
N ARG A 119 24.41 -23.77 0.43
CA ARG A 119 25.42 -22.74 0.13
C ARG A 119 25.98 -22.12 1.43
N ASN A 120 27.16 -21.48 1.31
CA ASN A 120 27.95 -20.92 2.44
C ASN A 120 28.98 -19.78 2.16
N TRP A 121 29.22 -18.95 3.18
CA TRP A 121 30.42 -18.08 3.29
C TRP A 121 30.65 -17.53 4.70
N LEU A 122 29.58 -17.34 5.48
CA LEU A 122 29.71 -16.87 6.88
C LEU A 122 29.08 -17.82 7.94
N THR A 123 28.66 -17.29 9.09
CA THR A 123 28.44 -18.11 10.32
C THR A 123 27.06 -18.76 10.55
N LEU A 124 26.95 -19.52 11.65
CA LEU A 124 25.77 -20.28 12.08
C LEU A 124 24.52 -19.43 12.38
N SER A 125 23.37 -20.09 12.52
CA SER A 125 22.04 -19.45 12.56
C SER A 125 21.63 -19.13 11.11
N ASP A 126 22.63 -19.08 10.23
CA ASP A 126 22.49 -18.64 8.83
C ASP A 126 23.56 -19.22 7.86
N TYR A 127 23.79 -20.55 7.86
CA TYR A 127 24.68 -21.24 6.86
C TYR A 127 24.69 -22.80 6.82
N VAL A 128 24.65 -23.43 8.00
CA VAL A 128 25.17 -24.78 8.24
C VAL A 128 24.52 -25.95 7.50
N GLU A 129 23.28 -26.31 7.86
CA GLU A 129 22.50 -27.35 7.17
C GLU A 129 23.02 -28.79 7.40
N GLY A 130 22.09 -29.73 7.51
CA GLY A 130 22.43 -31.16 7.48
C GLY A 130 21.19 -32.01 7.27
N THR A 131 20.32 -31.95 8.27
CA THR A 131 18.94 -32.41 8.17
C THR A 131 18.08 -31.17 7.84
N MET A 132 17.59 -31.14 6.61
CA MET A 132 16.71 -30.07 6.16
C MET A 132 15.36 -30.64 5.65
N ALA A 133 14.41 -30.82 6.56
CA ALA A 133 12.98 -30.93 6.21
C ALA A 133 12.45 -29.47 6.08
N GLN A 134 13.28 -28.61 5.48
CA GLN A 134 12.94 -27.21 5.17
C GLN A 134 12.88 -27.26 3.67
N TYR A 135 13.86 -27.97 3.11
CA TYR A 135 13.66 -28.88 1.99
C TYR A 135 12.19 -28.81 1.57
N MET A 136 11.28 -29.01 2.53
CA MET A 136 9.82 -29.15 2.29
C MET A 136 8.97 -27.94 2.66
N LEU A 137 9.32 -27.19 3.70
CA LEU A 137 8.54 -25.98 3.98
C LEU A 137 8.81 -25.04 2.83
N PHE A 138 9.88 -25.35 2.09
CA PHE A 138 10.13 -24.74 0.81
C PHE A 138 8.98 -25.07 -0.12
N THR A 139 9.06 -26.22 -0.75
CA THR A 139 8.13 -26.61 -1.79
C THR A 139 6.68 -26.53 -1.28
N SER A 140 6.38 -27.30 -0.22
CA SER A 140 5.01 -27.50 0.30
C SER A 140 4.35 -26.13 0.60
N LEU A 141 5.16 -25.17 1.04
CA LEU A 141 4.67 -23.83 1.36
C LEU A 141 5.26 -22.77 0.38
N ALA A 142 5.54 -23.24 -0.83
CA ALA A 142 6.08 -22.36 -1.90
C ALA A 142 5.23 -22.59 -3.13
N MET A 143 4.81 -23.83 -3.23
CA MET A 143 3.68 -24.27 -4.03
C MET A 143 2.32 -23.49 -3.79
N PRO A 144 2.17 -22.70 -2.71
CA PRO A 144 1.05 -21.76 -2.69
C PRO A 144 1.10 -20.46 -3.54
N ALA A 145 2.26 -19.79 -3.63
CA ALA A 145 2.31 -18.32 -3.97
C ALA A 145 1.25 -17.82 -4.97
N ALA A 146 0.66 -18.71 -5.76
CA ALA A 146 -0.38 -18.29 -6.72
C ALA A 146 -1.64 -17.88 -5.99
N MET A 147 -2.29 -18.88 -5.39
CA MET A 147 -3.56 -18.66 -4.67
C MET A 147 -3.49 -17.69 -3.48
N VAL A 148 -2.27 -17.36 -3.08
CA VAL A 148 -2.00 -16.61 -1.87
C VAL A 148 -1.86 -15.11 -2.23
N HIS A 149 -1.91 -14.91 -3.55
CA HIS A 149 -1.71 -13.65 -4.20
C HIS A 149 -2.99 -13.15 -4.68
N ARG A 150 -3.77 -14.09 -5.24
CA ARG A 150 -5.17 -13.84 -5.51
C ARG A 150 -5.82 -13.53 -4.13
N ALA A 151 -5.51 -14.37 -3.12
CA ALA A 151 -6.03 -14.19 -1.73
C ALA A 151 -5.53 -12.94 -0.94
N LEU A 152 -4.77 -12.10 -1.66
CA LEU A 152 -4.44 -10.69 -1.32
C LEU A 152 -5.12 -9.77 -2.32
N HIS A 153 -5.10 -10.17 -3.58
CA HIS A 153 -5.81 -9.42 -4.55
C HIS A 153 -7.27 -9.26 -4.18
N ALA A 154 -7.81 -10.19 -3.39
CA ALA A 154 -9.07 -9.95 -2.66
C ALA A 154 -9.11 -8.56 -2.01
N TYR A 155 -8.31 -8.31 -0.96
CA TYR A 155 -8.35 -6.99 -0.25
C TYR A 155 -7.78 -5.83 -1.08
N ALA A 156 -7.11 -6.21 -2.16
CA ALA A 156 -6.86 -5.31 -3.28
C ALA A 156 -8.17 -5.04 -4.03
N SER A 157 -9.30 -5.37 -3.38
CA SER A 157 -10.64 -5.04 -3.83
C SER A 157 -11.52 -5.01 -2.60
N SER A 158 -10.93 -4.52 -1.52
CA SER A 158 -11.64 -4.22 -0.28
C SER A 158 -11.28 -2.79 -0.06
N LEU A 159 -11.13 -2.08 -1.17
CA LEU A 159 -10.67 -0.70 -1.15
C LEU A 159 -11.81 0.19 -1.54
N ASN A 160 -12.86 0.11 -0.71
CA ASN A 160 -14.17 0.69 -0.96
C ASN A 160 -15.22 0.11 0.00
N ARG A 161 -15.16 0.48 1.27
CA ARG A 161 -16.16 0.06 2.30
C ARG A 161 -16.39 -1.43 2.68
N PRO A 162 -15.55 -2.38 2.20
CA PRO A 162 -15.70 -3.53 3.05
C PRO A 162 -14.39 -3.93 3.72
N ARG A 163 -14.50 -4.38 4.96
CA ARG A 163 -13.43 -5.12 5.59
C ARG A 163 -14.04 -6.45 6.03
N LEU A 164 -14.74 -7.09 5.08
CA LEU A 164 -15.21 -8.47 5.20
C LEU A 164 -14.02 -9.42 5.15
N ILE A 165 -12.83 -8.86 5.36
CA ILE A 165 -11.59 -9.61 5.43
C ILE A 165 -11.07 -9.74 6.89
N MET A 166 -11.50 -8.83 7.76
CA MET A 166 -11.39 -9.05 9.20
C MET A 166 -12.31 -10.21 9.61
N LEU A 167 -13.29 -10.47 8.75
CA LEU A 167 -14.20 -11.58 8.90
C LEU A 167 -13.48 -12.90 8.64
N VAL A 168 -12.91 -13.03 7.44
CA VAL A 168 -12.32 -14.29 7.00
C VAL A 168 -10.93 -14.52 7.58
N SER A 169 -9.97 -13.67 7.22
CA SER A 169 -8.59 -13.83 7.66
C SER A 169 -8.47 -13.63 9.17
N PHE A 170 -9.51 -14.08 9.87
CA PHE A 170 -9.50 -14.27 11.31
C PHE A 170 -9.93 -15.73 11.49
N ALA A 171 -11.18 -16.01 11.09
CA ALA A 171 -11.67 -17.37 11.00
C ALA A 171 -10.99 -18.11 9.83
N ALA A 172 -9.78 -17.64 9.48
CA ALA A 172 -8.85 -18.32 8.57
C ALA A 172 -7.67 -18.90 9.37
N PHE A 173 -7.18 -18.14 10.35
CA PHE A 173 -6.20 -18.59 11.34
C PHE A 173 -6.80 -19.68 12.25
N VAL A 174 -7.99 -19.38 12.76
CA VAL A 174 -8.82 -20.34 13.47
C VAL A 174 -9.02 -21.68 12.73
N LEU A 175 -9.05 -21.63 11.39
CA LEU A 175 -9.09 -22.82 10.54
C LEU A 175 -7.80 -23.58 10.55
N ASN A 176 -6.72 -22.82 10.82
CA ASN A 176 -5.36 -23.25 10.60
C ASN A 176 -4.69 -23.88 11.82
N VAL A 177 -4.77 -23.21 12.96
CA VAL A 177 -4.28 -23.81 14.18
C VAL A 177 -4.69 -25.30 14.22
N PRO A 178 -6.02 -25.58 14.36
CA PRO A 178 -6.54 -26.94 14.22
C PRO A 178 -5.79 -27.77 13.19
N LEU A 179 -5.94 -27.39 11.92
CA LEU A 179 -5.19 -28.02 10.83
C LEU A 179 -3.67 -28.09 11.10
N ASN A 180 -3.02 -26.93 11.23
CA ASN A 180 -1.56 -26.86 11.37
C ASN A 180 -0.95 -28.15 11.86
N TYR A 181 -1.38 -28.59 13.04
CA TYR A 181 -0.63 -29.61 13.76
C TYR A 181 -0.93 -31.01 13.25
N ILE A 182 -2.07 -31.18 12.60
CA ILE A 182 -2.39 -32.47 12.01
C ILE A 182 -1.25 -32.92 11.11
N PHE A 183 -0.69 -32.02 10.32
CA PHE A 183 0.37 -32.44 9.39
C PHE A 183 1.74 -32.53 10.00
N VAL A 184 1.96 -31.81 11.10
CA VAL A 184 3.24 -31.89 11.74
C VAL A 184 3.43 -33.24 12.47
N TYR A 185 2.34 -33.77 13.01
CA TYR A 185 2.09 -35.21 13.20
C TYR A 185 0.68 -35.33 13.73
N GLY A 186 -0.17 -36.14 13.09
CA GLY A 186 -1.57 -36.02 13.42
C GLY A 186 -2.46 -37.22 13.31
N LYS A 187 -3.70 -36.94 12.90
CA LYS A 187 -4.78 -37.91 12.88
C LYS A 187 -4.79 -38.66 11.57
N PHE A 188 -5.97 -39.18 11.23
CA PHE A 188 -6.23 -39.83 9.94
C PHE A 188 -5.44 -39.10 8.82
N GLY A 189 -5.24 -37.78 8.99
CA GLY A 189 -4.49 -36.90 8.07
C GLY A 189 -3.15 -37.50 7.66
N MET A 190 -2.46 -36.85 6.74
CA MET A 190 -1.17 -37.33 6.20
C MET A 190 -0.05 -37.30 7.28
N PRO A 191 -0.32 -37.91 8.44
CA PRO A 191 0.16 -37.40 9.73
C PRO A 191 1.66 -37.46 9.99
N ALA A 192 2.49 -37.42 8.96
CA ALA A 192 3.92 -37.64 9.16
C ALA A 192 4.74 -36.36 9.24
N LEU A 193 5.10 -35.81 8.07
CA LEU A 193 6.09 -34.72 7.93
C LEU A 193 5.73 -33.41 8.65
N GLY A 194 6.52 -33.08 9.70
CA GLY A 194 6.23 -31.94 10.58
C GLY A 194 7.13 -30.73 10.47
N GLY A 195 8.38 -31.00 10.09
CA GLY A 195 9.35 -29.94 9.79
C GLY A 195 9.12 -29.31 8.41
N ALA A 196 7.85 -29.00 8.12
CA ALA A 196 7.39 -28.54 6.81
C ALA A 196 5.89 -28.50 6.92
N GLY A 197 5.37 -29.61 7.47
CA GLY A 197 3.96 -29.93 7.58
C GLY A 197 3.16 -28.92 8.35
N CYS A 198 3.87 -28.10 9.13
CA CYS A 198 3.27 -26.94 9.75
C CYS A 198 2.83 -26.03 8.59
N GLY A 199 3.66 -26.05 7.54
CA GLY A 199 3.55 -25.16 6.37
C GLY A 199 2.69 -25.63 5.21
N VAL A 200 2.85 -26.88 4.81
CA VAL A 200 1.85 -27.40 3.93
C VAL A 200 0.48 -27.15 4.57
N ALA A 201 0.41 -27.23 5.90
CA ALA A 201 -0.81 -26.81 6.63
C ALA A 201 -1.16 -25.33 6.32
N THR A 202 -0.26 -24.45 6.77
CA THR A 202 -0.33 -23.01 6.49
C THR A 202 -0.88 -22.68 5.09
N MET A 203 -0.29 -23.25 4.06
CA MET A 203 -0.62 -22.83 2.72
C MET A 203 -1.98 -23.39 2.27
N ALA A 204 -2.36 -24.54 2.80
CA ALA A 204 -3.70 -25.01 2.52
C ALA A 204 -4.69 -23.88 2.85
N VAL A 205 -4.29 -23.02 3.78
CA VAL A 205 -5.17 -22.05 4.41
C VAL A 205 -5.15 -20.69 3.66
N PHE A 206 -4.21 -20.61 2.70
CA PHE A 206 -4.17 -19.51 1.71
C PHE A 206 -5.18 -19.70 0.60
N TRP A 207 -5.28 -20.95 0.15
CA TRP A 207 -6.27 -21.46 -0.81
C TRP A 207 -7.59 -21.57 -0.14
N PHE A 208 -7.61 -21.68 1.19
CA PHE A 208 -8.85 -21.53 1.92
C PHE A 208 -9.32 -20.07 1.84
N SER A 209 -8.52 -19.13 2.34
CA SER A 209 -8.95 -17.75 2.30
C SER A 209 -8.99 -17.24 0.85
N ALA A 210 -8.26 -17.91 -0.05
CA ALA A 210 -8.23 -17.57 -1.49
C ALA A 210 -9.65 -17.40 -2.02
N LEU A 211 -10.54 -18.27 -1.57
CA LEU A 211 -11.96 -18.23 -1.89
C LEU A 211 -12.71 -17.93 -0.59
N ALA A 212 -12.46 -16.74 -0.07
CA ALA A 212 -13.44 -15.94 0.63
C ALA A 212 -13.25 -14.66 -0.16
N LEU A 213 -12.74 -14.87 -1.38
CA LEU A 213 -12.89 -13.94 -2.48
C LEU A 213 -14.13 -14.44 -3.17
N TRP A 214 -14.04 -15.61 -3.78
CA TRP A 214 -15.20 -16.09 -4.45
C TRP A 214 -16.39 -15.88 -3.61
N ILE A 215 -16.33 -16.38 -2.38
CA ILE A 215 -17.49 -16.36 -1.50
C ILE A 215 -17.85 -14.99 -0.85
N TYR A 216 -17.33 -13.91 -1.41
CA TYR A 216 -17.93 -12.61 -1.17
C TYR A 216 -18.22 -11.79 -2.43
N ILE A 217 -18.72 -12.51 -3.43
CA ILE A 217 -19.70 -11.98 -4.38
C ILE A 217 -20.98 -12.51 -3.70
N ALA A 218 -21.48 -11.74 -2.73
CA ALA A 218 -22.50 -12.25 -1.80
C ALA A 218 -23.30 -11.21 -1.01
N LYS A 219 -22.63 -10.17 -0.49
CA LYS A 219 -23.29 -9.22 0.41
C LYS A 219 -24.01 -8.05 -0.28
N GLU A 220 -23.87 -7.97 -1.61
CA GLU A 220 -24.35 -6.82 -2.40
C GLU A 220 -23.97 -6.99 -3.90
N LYS A 221 -24.11 -5.93 -4.70
CA LYS A 221 -23.77 -5.94 -6.14
C LYS A 221 -22.31 -6.38 -6.35
N PHE A 222 -22.08 -7.01 -7.50
CA PHE A 222 -20.83 -7.70 -7.88
C PHE A 222 -19.48 -7.00 -7.66
N PHE A 223 -18.42 -7.81 -7.54
CA PHE A 223 -17.06 -7.49 -8.04
C PHE A 223 -16.57 -8.70 -8.87
N ARG A 224 -17.52 -9.45 -9.43
CA ARG A 224 -17.17 -10.60 -10.22
C ARG A 224 -17.40 -10.33 -11.72
N PRO A 225 -16.36 -9.82 -12.43
CA PRO A 225 -16.28 -10.09 -13.85
C PRO A 225 -15.05 -10.97 -14.10
N PHE A 226 -15.21 -12.26 -13.81
CA PHE A 226 -14.21 -13.30 -14.07
C PHE A 226 -14.52 -14.02 -15.39
N GLY A 227 -14.92 -13.23 -16.38
CA GLY A 227 -14.81 -13.65 -17.76
C GLY A 227 -13.32 -13.82 -17.97
N LEU A 228 -12.95 -14.58 -19.02
CA LEU A 228 -11.53 -14.93 -19.25
C LEU A 228 -10.66 -13.69 -18.86
N THR A 229 -9.94 -13.85 -17.74
CA THR A 229 -8.93 -12.91 -17.25
C THR A 229 -7.87 -12.57 -18.31
N ALA A 230 -8.29 -12.59 -19.58
CA ALA A 230 -7.41 -12.45 -20.75
C ALA A 230 -6.77 -11.08 -20.78
N LYS A 231 -5.91 -10.85 -21.76
CA LYS A 231 -5.31 -9.52 -21.93
C LYS A 231 -5.42 -8.91 -23.35
N PHE A 232 -4.53 -9.33 -24.25
CA PHE A 232 -4.26 -8.71 -25.58
C PHE A 232 -5.08 -7.50 -26.07
N GLY A 233 -4.35 -6.44 -26.45
CA GLY A 233 -4.92 -5.22 -26.99
C GLY A 233 -3.90 -4.45 -27.81
N LYS A 234 -2.65 -4.45 -27.35
CA LYS A 234 -1.52 -3.78 -28.03
C LYS A 234 -0.37 -4.82 -28.17
N PRO A 235 0.92 -4.38 -28.12
CA PRO A 235 1.96 -5.38 -27.86
C PRO A 235 1.71 -6.19 -26.56
N ASP A 236 1.42 -5.50 -25.45
CA ASP A 236 0.95 -6.12 -24.20
C ASP A 236 -0.16 -5.29 -23.56
N TRP A 237 -1.32 -5.91 -23.40
CA TRP A 237 -2.52 -5.23 -22.88
C TRP A 237 -2.33 -4.78 -21.46
N ALA A 238 -2.35 -3.45 -21.30
CA ALA A 238 -2.23 -2.80 -20.01
C ALA A 238 -3.49 -3.02 -19.19
N VAL A 239 -3.85 -2.04 -18.36
CA VAL A 239 -4.74 -2.23 -17.21
C VAL A 239 -4.12 -3.40 -16.45
N PHE A 240 -2.82 -3.53 -16.68
CA PHE A 240 -2.04 -4.73 -16.40
C PHE A 240 -0.60 -4.27 -16.61
N LYS A 241 -0.30 -3.87 -17.83
CA LYS A 241 0.94 -3.15 -18.13
C LYS A 241 0.89 -1.80 -17.41
N GLN A 242 -0.33 -1.29 -17.22
CA GLN A 242 -0.54 -0.05 -16.49
C GLN A 242 -0.33 -0.29 -15.01
N ILE A 243 -0.64 -1.50 -14.58
CA ILE A 243 -0.40 -1.94 -13.20
C ILE A 243 1.10 -2.12 -12.98
N TRP A 244 1.83 -2.33 -14.06
CA TRP A 244 3.28 -2.51 -13.97
C TRP A 244 3.94 -1.40 -13.21
N LYS A 245 3.80 -0.16 -13.69
CA LYS A 245 4.57 0.92 -13.06
C LYS A 245 3.91 1.56 -11.83
N ILE A 246 2.92 0.87 -11.30
CA ILE A 246 2.59 1.06 -9.90
C ILE A 246 3.11 -0.15 -9.13
N GLY A 247 3.49 -1.19 -9.86
CA GLY A 247 4.00 -2.42 -9.24
C GLY A 247 5.49 -2.37 -9.00
N ALA A 248 6.29 -2.35 -10.07
CA ALA A 248 7.76 -2.21 -10.00
C ALA A 248 8.12 -1.30 -8.84
N PRO A 249 7.62 -0.07 -8.89
CA PRO A 249 8.02 0.90 -7.91
C PRO A 249 7.64 0.58 -6.46
N ILE A 250 7.02 -0.56 -6.21
CA ILE A 250 6.64 -0.82 -4.84
C ILE A 250 7.40 -1.96 -4.21
N GLY A 251 7.32 -3.14 -4.82
CA GLY A 251 8.07 -4.28 -4.31
C GLY A 251 9.55 -3.93 -4.27
N LEU A 252 10.00 -3.26 -5.32
CA LEU A 252 11.40 -2.89 -5.45
C LEU A 252 11.71 -1.77 -4.46
N SER A 253 10.61 -1.12 -4.06
CA SER A 253 10.59 -0.27 -2.86
C SER A 253 10.02 -0.94 -1.58
N TYR A 254 9.58 -2.19 -1.69
CA TYR A 254 9.39 -3.00 -0.51
C TYR A 254 10.72 -3.71 -0.23
N PHE A 255 11.67 -3.52 -1.15
CA PHE A 255 13.05 -3.92 -0.96
C PHE A 255 13.80 -2.86 -0.15
N LEU A 256 13.02 -2.12 0.63
CA LEU A 256 13.49 -1.40 1.81
C LEU A 256 13.77 -2.48 2.83
N GLU A 257 12.72 -2.87 3.57
CA GLU A 257 12.82 -3.89 4.60
C GLU A 257 13.43 -5.20 4.07
N ALA A 258 13.68 -5.25 2.76
CA ALA A 258 14.34 -6.40 2.13
C ALA A 258 15.86 -6.32 2.21
N SER A 259 16.35 -5.16 2.63
CA SER A 259 17.74 -5.02 3.03
C SER A 259 17.90 -4.67 4.52
N ALA A 260 16.84 -4.17 5.18
CA ALA A 260 16.78 -4.11 6.66
C ALA A 260 16.60 -5.54 7.16
N PHE A 261 17.22 -6.46 6.40
CA PHE A 261 17.04 -7.92 6.37
C PHE A 261 18.46 -8.46 6.49
N SER A 262 19.31 -8.10 5.51
CA SER A 262 20.75 -8.41 5.49
C SER A 262 21.60 -7.21 5.99
N PHE A 263 20.98 -6.43 6.85
CA PHE A 263 21.61 -5.39 7.66
C PHE A 263 21.39 -5.82 9.12
N ILE A 264 20.12 -6.09 9.44
CA ILE A 264 19.71 -6.51 10.80
C ILE A 264 20.31 -7.88 11.18
N VAL A 265 20.57 -8.71 10.16
CA VAL A 265 21.19 -10.02 10.34
C VAL A 265 22.54 -10.06 9.59
N PHE A 266 23.40 -9.09 9.90
CA PHE A 266 24.83 -9.14 9.56
C PHE A 266 25.65 -8.30 10.53
N LEU A 267 24.97 -7.85 11.58
CA LEU A 267 25.64 -7.34 12.79
C LEU A 267 25.23 -8.13 14.03
N ILE A 268 25.03 -9.42 13.81
CA ILE A 268 25.19 -10.45 14.84
C ILE A 268 26.39 -11.29 14.35
N ALA A 269 26.94 -10.85 13.20
CA ALA A 269 27.94 -11.58 12.42
C ALA A 269 29.43 -11.37 12.81
N PRO A 270 29.74 -10.29 13.54
CA PRO A 270 31.03 -10.30 14.22
C PRO A 270 30.88 -10.83 15.65
N PHE A 271 31.90 -10.61 16.47
CA PHE A 271 31.95 -11.09 17.86
C PHE A 271 30.87 -10.48 18.78
N GLY A 272 29.81 -9.92 18.19
CA GLY A 272 28.66 -9.44 18.96
C GLY A 272 27.55 -10.47 19.09
N GLU A 273 27.91 -11.72 19.36
CA GLU A 273 26.96 -12.85 19.46
C GLU A 273 25.73 -12.61 20.35
N ASP A 274 25.95 -12.61 21.67
CA ASP A 274 24.87 -12.72 22.68
C ASP A 274 23.70 -11.73 22.53
N TYR A 275 23.84 -10.52 23.08
CA TYR A 275 22.72 -9.56 23.13
C TYR A 275 22.61 -8.64 21.91
N VAL A 276 23.34 -8.98 20.84
CA VAL A 276 23.17 -8.30 19.55
C VAL A 276 22.44 -9.23 18.58
N ALA A 277 22.21 -10.47 19.02
CA ALA A 277 21.27 -11.34 18.37
C ALA A 277 20.02 -11.48 19.25
N ALA A 278 19.97 -10.65 20.30
CA ALA A 278 18.73 -10.38 21.03
C ALA A 278 18.25 -8.96 20.65
N GLN A 279 18.94 -8.40 19.67
CA GLN A 279 18.51 -7.22 18.90
C GLN A 279 17.19 -7.55 18.22
N GLN A 280 17.17 -8.69 17.54
CA GLN A 280 15.98 -9.17 16.86
C GLN A 280 14.76 -9.53 17.75
N VAL A 281 14.88 -9.49 19.08
CA VAL A 281 13.67 -9.67 19.93
C VAL A 281 12.91 -8.35 19.97
N GLY A 282 13.66 -7.25 19.97
CA GLY A 282 13.08 -5.91 19.84
C GLY A 282 12.61 -5.59 18.43
N ILE A 283 13.48 -5.83 17.43
CA ILE A 283 13.19 -5.51 16.02
C ILE A 283 12.27 -6.53 15.33
N SER A 284 11.81 -7.50 16.11
CA SER A 284 10.64 -8.30 15.78
C SER A 284 9.44 -7.67 16.47
N LEU A 285 9.68 -7.10 17.65
CA LEU A 285 8.62 -6.39 18.37
C LEU A 285 8.44 -4.99 17.77
N SER A 286 9.33 -4.65 16.84
CA SER A 286 9.16 -3.52 15.89
C SER A 286 7.99 -3.79 14.92
N GLY A 287 8.18 -4.74 14.01
CA GLY A 287 7.13 -5.21 13.11
C GLY A 287 5.85 -5.69 13.78
N ILE A 288 5.94 -6.42 14.90
CA ILE A 288 4.73 -6.99 15.55
C ILE A 288 3.71 -5.91 15.96
N LEU A 289 4.16 -4.87 16.64
CA LEU A 289 3.35 -3.66 16.67
C LEU A 289 4.16 -2.49 16.10
N TYR A 290 4.25 -2.53 14.78
CA TYR A 290 4.53 -1.37 13.93
C TYR A 290 3.48 -1.47 12.82
N MET A 291 2.66 -2.52 12.93
CA MET A 291 1.76 -2.98 11.88
C MET A 291 0.42 -2.24 11.87
N ILE A 292 -0.29 -2.22 13.00
CA ILE A 292 -1.53 -1.41 13.15
C ILE A 292 -1.23 0.09 12.96
N PRO A 293 -0.07 0.56 13.48
CA PRO A 293 0.65 1.71 12.94
C PRO A 293 0.73 1.69 11.39
N GLN A 294 1.88 2.05 10.83
CA GLN A 294 2.15 1.90 9.39
C GLN A 294 0.90 1.77 8.50
N SER A 295 0.19 0.66 8.69
CA SER A 295 -0.79 0.18 7.73
C SER A 295 -2.13 0.88 7.82
N VAL A 296 -2.23 1.90 8.67
CA VAL A 296 -3.44 2.72 8.74
C VAL A 296 -3.60 3.57 7.46
N GLY A 297 -2.47 4.10 6.97
CA GLY A 297 -2.39 4.84 5.70
C GLY A 297 -2.24 3.90 4.51
N SER A 298 -1.66 2.73 4.78
CA SER A 298 -1.73 1.58 3.87
C SER A 298 -3.18 1.01 3.95
N ALA A 299 -4.05 1.78 4.62
CA ALA A 299 -5.50 1.59 4.57
C ALA A 299 -6.14 2.92 4.19
N GLY A 300 -5.56 4.02 4.67
CA GLY A 300 -6.01 5.37 4.28
C GLY A 300 -5.69 5.75 2.83
N THR A 301 -4.80 4.97 2.20
CA THR A 301 -4.52 5.10 0.76
C THR A 301 -5.80 4.95 -0.10
N VAL A 302 -6.82 4.36 0.50
CA VAL A 302 -8.15 4.30 -0.08
C VAL A 302 -8.66 5.72 -0.02
N ARG A 303 -9.04 6.13 1.19
CA ARG A 303 -9.82 7.34 1.41
C ARG A 303 -9.35 8.52 0.57
N ILE A 304 -8.12 8.44 0.09
CA ILE A 304 -7.49 9.53 -0.64
C ILE A 304 -7.57 9.38 -2.17
N GLY A 305 -7.05 8.29 -2.73
CA GLY A 305 -7.18 8.04 -4.17
C GLY A 305 -8.62 7.76 -4.63
N PHE A 306 -9.48 7.36 -3.70
CA PHE A 306 -10.92 7.10 -3.94
C PHE A 306 -11.59 8.42 -4.11
N SER A 307 -11.19 9.34 -3.25
CA SER A 307 -11.67 10.70 -3.30
C SER A 307 -10.70 11.49 -4.17
N LEU A 308 -10.40 10.97 -5.36
CA LEU A 308 -9.80 11.74 -6.46
C LEU A 308 -10.69 11.57 -7.72
N GLY A 309 -11.04 10.32 -8.03
CA GLY A 309 -12.12 10.02 -8.97
C GLY A 309 -13.31 10.87 -8.56
N ARG A 310 -13.85 10.60 -7.36
CA ARG A 310 -14.72 11.56 -6.70
C ARG A 310 -13.85 12.77 -6.49
N ARG A 311 -14.14 13.82 -7.25
CA ARG A 311 -13.19 14.86 -7.59
C ARG A 311 -12.87 15.88 -6.48
N GLU A 312 -13.08 15.49 -5.22
CA GLU A 312 -12.77 16.32 -4.04
C GLU A 312 -11.26 16.56 -3.86
N PHE A 313 -10.67 17.18 -4.89
CA PHE A 313 -9.23 17.42 -5.01
C PHE A 313 -8.64 18.10 -3.78
N SER A 314 -7.74 17.39 -3.11
CA SER A 314 -7.17 17.81 -1.82
C SER A 314 -8.18 17.91 -0.67
N ARG A 315 -9.49 18.04 -0.96
CA ARG A 315 -10.52 17.82 0.06
C ARG A 315 -10.39 16.37 0.52
N ALA A 316 -9.29 15.75 0.08
CA ALA A 316 -8.83 14.46 0.55
C ALA A 316 -7.31 14.49 0.79
N ARG A 317 -6.59 15.27 -0.02
CA ARG A 317 -5.15 15.39 0.17
C ARG A 317 -4.83 16.45 1.22
N TYR A 318 -5.88 17.04 1.78
CA TYR A 318 -5.77 17.75 3.04
C TYR A 318 -6.62 17.02 4.07
N ILE A 319 -6.74 15.70 3.87
CA ILE A 319 -6.98 14.71 4.93
C ILE A 319 -5.81 13.72 4.92
N SER A 320 -5.07 13.72 3.81
CA SER A 320 -3.71 13.20 3.83
C SER A 320 -3.02 13.67 5.14
N GLY A 321 -3.03 14.97 5.40
CA GLY A 321 -2.58 15.48 6.68
C GLY A 321 -3.27 14.87 7.90
N VAL A 322 -4.59 15.08 8.03
CA VAL A 322 -5.33 14.67 9.24
C VAL A 322 -5.55 13.15 9.32
N SER A 323 -4.82 12.44 8.46
CA SER A 323 -4.59 11.01 8.61
C SER A 323 -3.12 10.80 8.93
N LEU A 324 -2.25 11.53 8.24
CA LEU A 324 -0.81 11.56 8.51
C LEU A 324 -0.56 11.71 10.03
N VAL A 325 -1.08 12.82 10.58
CA VAL A 325 -0.81 13.23 11.96
C VAL A 325 -1.86 12.74 12.98
N SER A 326 -2.59 11.68 12.61
CA SER A 326 -3.63 11.13 13.48
C SER A 326 -3.17 9.86 14.17
N GLY A 327 -2.53 8.98 13.40
CA GLY A 327 -1.85 7.81 13.97
C GLY A 327 -0.47 8.27 14.43
N TRP A 328 -0.10 9.43 13.91
CA TRP A 328 1.05 10.20 14.31
C TRP A 328 0.94 10.67 15.75
N VAL A 329 -0.29 10.72 16.26
CA VAL A 329 -0.59 10.86 17.70
C VAL A 329 0.08 9.73 18.48
N LEU A 330 -0.25 8.49 18.10
CA LEU A 330 0.25 7.26 18.73
C LEU A 330 1.64 6.86 18.23
N ALA A 331 2.03 7.43 17.09
CA ALA A 331 3.38 7.28 16.50
C ALA A 331 4.46 7.61 17.50
N VAL A 332 4.10 8.51 18.41
CA VAL A 332 4.99 8.95 19.46
C VAL A 332 4.37 8.63 20.83
N ILE A 333 3.05 8.81 21.00
CA ILE A 333 2.39 8.45 22.28
C ILE A 333 2.26 6.92 22.46
N THR A 334 2.96 6.20 21.58
CA THR A 334 3.43 4.86 21.87
C THR A 334 4.73 4.58 21.08
N VAL A 335 5.66 5.52 21.19
CA VAL A 335 7.10 5.23 21.16
C VAL A 335 7.51 5.34 22.62
N LEU A 336 6.56 5.77 23.45
CA LEU A 336 6.71 5.82 24.91
C LEU A 336 6.78 4.44 25.53
N SER A 337 5.94 3.53 25.03
CA SER A 337 5.95 2.14 25.49
C SER A 337 6.90 1.28 24.64
N LEU A 338 7.98 1.91 24.12
CA LEU A 338 8.97 1.24 23.27
C LEU A 338 10.40 1.51 23.73
N VAL A 339 10.68 2.77 24.08
CA VAL A 339 11.96 3.14 24.69
C VAL A 339 11.90 2.80 26.19
N LEU A 340 10.68 2.64 26.70
CA LEU A 340 10.43 2.34 28.12
C LEU A 340 10.51 0.83 28.46
N PHE A 341 9.45 0.10 28.12
CA PHE A 341 9.28 -1.31 28.51
C PHE A 341 10.25 -2.26 27.79
N ARG A 342 10.29 -3.52 28.24
CA ARG A 342 11.14 -4.53 27.62
C ARG A 342 10.46 -5.90 27.52
N SER A 343 11.27 -6.95 27.37
CA SER A 343 10.84 -8.33 27.53
C SER A 343 10.90 -8.69 29.02
N PRO A 344 9.75 -8.64 29.72
CA PRO A 344 9.77 -8.99 31.15
C PRO A 344 9.51 -10.50 31.35
N LEU A 345 8.99 -10.87 32.53
CA LEU A 345 8.56 -12.25 32.77
C LEU A 345 7.23 -12.55 32.08
N ALA A 346 6.75 -11.55 31.31
CA ALA A 346 5.65 -11.71 30.37
C ALA A 346 6.18 -12.29 29.05
N SER A 347 7.49 -12.14 28.82
CA SER A 347 8.18 -12.80 27.72
C SER A 347 8.75 -14.13 28.22
N MET A 348 8.51 -15.20 27.46
CA MET A 348 8.76 -16.58 27.91
C MET A 348 9.92 -17.21 27.15
N TYR A 349 9.68 -17.57 25.89
CA TYR A 349 10.70 -18.07 24.97
C TYR A 349 10.19 -18.13 23.52
N ASN A 350 9.15 -17.33 23.23
CA ASN A 350 8.35 -17.45 21.99
C ASN A 350 9.07 -17.21 20.64
N ASP A 351 8.68 -16.16 19.93
CA ASP A 351 9.04 -15.94 18.50
C ASP A 351 10.51 -16.21 18.12
N ASP A 352 11.42 -16.03 19.08
CA ASP A 352 12.82 -16.44 18.98
C ASP A 352 13.38 -16.55 20.40
N PRO A 353 13.51 -17.79 20.91
CA PRO A 353 13.92 -18.04 22.31
C PRO A 353 15.18 -17.28 22.77
N ALA A 354 14.95 -16.13 23.42
CA ALA A 354 16.01 -15.30 24.02
C ALA A 354 15.39 -14.20 24.89
N VAL A 355 15.16 -14.51 26.17
CA VAL A 355 14.46 -13.58 27.06
C VAL A 355 15.23 -13.21 28.33
N LEU A 356 15.54 -14.22 29.16
CA LEU A 356 16.21 -13.98 30.46
C LEU A 356 17.75 -14.01 30.39
N SER A 357 18.38 -12.85 30.67
CA SER A 357 19.85 -12.64 30.80
C SER A 357 20.55 -11.79 29.70
N ILE A 358 19.80 -10.85 29.09
CA ILE A 358 20.33 -9.94 28.04
C ILE A 358 19.88 -8.47 28.20
N ALA A 359 20.70 -7.55 27.68
CA ALA A 359 20.60 -6.11 27.99
C ALA A 359 19.49 -5.33 27.24
N SER A 360 19.29 -4.07 27.63
CA SER A 360 18.33 -3.15 26.98
C SER A 360 18.95 -2.17 25.98
N THR A 361 20.12 -2.53 25.45
CA THR A 361 20.71 -1.81 24.34
C THR A 361 19.87 -2.08 23.08
N VAL A 362 18.58 -2.24 23.34
CA VAL A 362 17.61 -2.75 22.37
C VAL A 362 16.42 -1.78 22.27
N LEU A 363 16.21 -1.00 23.32
CA LEU A 363 15.18 0.05 23.34
C LEU A 363 15.80 1.42 23.04
N LEU A 364 17.08 1.40 22.67
CA LEU A 364 17.84 2.59 22.32
C LEU A 364 17.44 3.04 20.93
N PHE A 365 17.06 2.08 20.11
CA PHE A 365 16.59 2.37 18.78
C PHE A 365 15.08 2.18 18.67
N ALA A 366 14.46 1.70 19.74
CA ALA A 366 12.99 1.68 19.80
C ALA A 366 12.47 3.11 19.98
N GLY A 367 13.26 4.08 19.53
CA GLY A 367 12.91 5.50 19.51
C GLY A 367 13.59 6.24 18.38
N LEU A 368 14.86 5.91 18.13
CA LEU A 368 15.71 6.51 17.08
C LEU A 368 15.01 6.68 15.74
N PHE A 369 14.60 5.53 15.21
CA PHE A 369 13.92 5.46 13.94
C PHE A 369 12.42 5.35 14.21
N GLN A 370 12.06 4.75 15.34
CA GLN A 370 10.69 4.24 15.56
C GLN A 370 9.53 5.22 15.24
N PRO A 371 9.48 6.39 15.89
CA PRO A 371 8.48 7.36 15.41
C PRO A 371 8.91 8.19 14.20
N ALA A 372 10.23 8.40 14.02
CA ALA A 372 10.79 9.14 12.86
C ALA A 372 10.71 8.33 11.53
N ASP A 373 9.89 7.28 11.58
CA ASP A 373 9.69 6.33 10.50
C ASP A 373 8.19 6.01 10.44
N PHE A 374 7.67 5.53 11.57
CA PHE A 374 6.25 5.29 11.81
C PHE A 374 5.36 5.83 10.70
N THR A 375 5.33 7.15 10.61
CA THR A 375 4.50 7.87 9.66
C THR A 375 5.24 8.05 8.33
N GLN A 376 6.56 8.17 8.38
CA GLN A 376 7.37 8.46 7.17
C GLN A 376 7.31 7.37 6.07
N CYS A 377 6.27 6.54 6.13
CA CYS A 377 5.83 5.81 4.95
C CYS A 377 4.31 5.77 4.81
N ILE A 378 3.58 5.85 5.94
CA ILE A 378 2.13 6.16 5.91
C ILE A 378 1.97 7.61 5.38
N ALA A 379 3.12 8.15 5.04
CA ALA A 379 3.22 9.20 4.06
C ALA A 379 3.10 8.50 2.72
N SER A 380 4.11 7.72 2.35
CA SER A 380 4.12 7.06 1.05
C SER A 380 2.92 6.14 0.76
N TYR A 381 2.35 5.48 1.78
CA TYR A 381 1.06 4.73 1.62
C TYR A 381 -0.09 5.73 1.55
N ALA A 382 0.21 6.86 0.91
CA ALA A 382 -0.66 8.03 0.74
C ALA A 382 0.09 8.98 -0.19
N LEU A 383 0.89 8.41 -1.11
CA LEU A 383 1.70 9.17 -2.08
C LEU A 383 1.50 8.45 -3.38
N ARG A 384 2.22 7.34 -3.50
CA ARG A 384 1.70 6.27 -4.29
C ARG A 384 0.24 6.19 -3.80
N GLY A 385 0.08 5.93 -2.51
CA GLY A 385 -1.23 5.78 -1.88
C GLY A 385 -2.28 6.62 -2.52
N TYR A 386 -1.97 7.89 -2.67
CA TYR A 386 -2.82 8.78 -3.44
C TYR A 386 -2.56 8.56 -4.94
N LYS A 387 -1.52 9.21 -5.43
CA LYS A 387 -1.30 9.34 -6.84
C LYS A 387 -0.52 8.14 -7.31
N VAL A 388 0.15 8.33 -8.44
CA VAL A 388 1.05 7.37 -9.03
C VAL A 388 2.39 7.49 -8.30
N THR A 389 2.41 8.19 -7.16
CA THR A 389 3.69 8.61 -6.63
C THR A 389 4.51 7.51 -5.97
N LYS A 390 5.14 6.75 -6.84
CA LYS A 390 6.11 5.75 -6.45
C LYS A 390 7.12 5.63 -7.56
N VAL A 391 6.90 6.36 -8.67
CA VAL A 391 7.78 6.33 -9.86
C VAL A 391 9.27 6.57 -9.50
N PRO A 392 9.57 7.66 -8.75
CA PRO A 392 10.78 7.66 -7.94
C PRO A 392 10.48 7.92 -6.45
N MET A 393 9.36 7.37 -5.98
CA MET A 393 9.15 7.09 -4.57
C MET A 393 9.69 5.69 -4.38
N PHE A 394 10.27 5.18 -5.45
CA PHE A 394 11.10 4.00 -5.49
C PHE A 394 12.46 4.48 -5.02
N ILE A 395 12.90 5.57 -5.65
CA ILE A 395 14.14 6.25 -5.28
C ILE A 395 13.88 7.10 -4.02
N HIS A 396 12.69 6.97 -3.44
CA HIS A 396 12.47 7.43 -2.07
C HIS A 396 13.45 6.68 -1.24
N ALA A 397 13.64 5.40 -1.57
CA ALA A 397 14.36 4.48 -0.71
C ALA A 397 15.77 4.09 -1.19
N ALA A 398 16.14 4.47 -2.41
CA ALA A 398 17.56 4.32 -2.85
C ALA A 398 18.48 5.09 -1.89
N ALA A 399 17.87 5.88 -1.01
CA ALA A 399 18.54 6.64 0.05
C ALA A 399 18.25 6.07 1.43
N PHE A 400 17.22 5.25 1.56
CA PHE A 400 16.90 4.65 2.87
C PHE A 400 17.71 3.37 3.08
N TRP A 401 18.86 3.36 2.42
CA TRP A 401 19.79 2.23 2.32
C TRP A 401 21.10 2.68 1.72
N GLY A 402 21.02 3.50 0.67
CA GLY A 402 22.21 4.11 0.07
C GLY A 402 22.58 5.37 0.83
N CYS A 403 21.81 5.65 1.88
CA CYS A 403 22.07 6.73 2.85
C CYS A 403 22.23 6.11 4.26
N GLY A 404 21.74 4.86 4.37
CA GLY A 404 22.05 3.99 5.49
C GLY A 404 23.01 2.86 5.12
N LEU A 405 24.13 3.22 4.48
CA LEU A 405 25.15 2.26 4.06
C LEU A 405 26.30 2.21 5.06
N LEU A 406 26.93 3.36 5.28
CA LEU A 406 28.05 3.47 6.24
C LEU A 406 27.57 3.38 7.69
N PRO A 407 26.39 3.95 8.01
CA PRO A 407 25.72 3.53 9.24
C PRO A 407 25.29 2.06 9.13
N GLY A 408 26.21 1.22 8.64
CA GLY A 408 26.08 -0.22 8.66
C GLY A 408 27.34 -0.76 9.30
N TYR A 409 28.49 -0.27 8.84
CA TYR A 409 29.78 -0.50 9.51
C TYR A 409 30.19 0.72 10.34
N LEU A 410 29.19 1.30 11.02
CA LEU A 410 29.41 2.36 11.99
C LEU A 410 28.72 2.06 13.33
N LEU A 411 28.41 0.78 13.57
CA LEU A 411 28.28 0.22 14.92
C LEU A 411 29.60 -0.45 15.22
N ALA A 412 30.17 -1.09 14.19
CA ALA A 412 31.50 -1.67 14.23
C ALA A 412 32.48 -0.56 14.62
N TYR A 413 32.89 0.22 13.63
CA TYR A 413 33.68 1.43 13.85
C TYR A 413 32.88 2.44 14.71
N ARG A 414 33.04 2.38 16.04
CA ARG A 414 32.17 3.17 16.97
C ARG A 414 32.88 4.11 17.95
N PHE A 415 32.14 5.11 18.45
CA PHE A 415 32.63 6.09 19.43
C PHE A 415 32.13 5.79 20.86
N ASP A 416 31.02 5.06 20.98
CA ASP A 416 30.41 4.73 22.29
C ASP A 416 29.84 3.30 22.31
N MET A 417 28.89 3.02 23.21
CA MET A 417 28.12 1.78 23.18
C MET A 417 27.11 1.83 22.01
N GLY A 418 27.66 2.00 20.82
CA GLY A 418 26.90 2.26 19.60
C GLY A 418 26.25 1.04 19.00
N ILE A 419 25.32 0.48 19.77
CA ILE A 419 24.50 -0.61 19.31
C ILE A 419 23.36 -0.05 18.49
N TYR A 420 22.97 1.20 18.77
CA TYR A 420 22.02 1.94 17.94
C TYR A 420 22.80 2.94 17.07
N GLY A 421 24.07 2.62 16.87
CA GLY A 421 25.04 3.49 16.22
C GLY A 421 25.25 3.26 14.74
N PHE A 422 24.83 2.10 14.25
CA PHE A 422 24.63 1.93 12.81
C PHE A 422 23.14 2.20 12.51
N TRP A 423 22.40 2.48 13.57
CA TRP A 423 21.10 3.12 13.47
C TRP A 423 21.39 4.58 13.58
N THR A 424 22.35 5.02 12.78
CA THR A 424 22.73 6.42 12.72
C THR A 424 22.06 7.08 11.49
N ALA A 425 22.76 7.16 10.36
CA ALA A 425 22.15 7.58 9.11
C ALA A 425 21.26 6.45 8.60
N LEU A 426 20.85 5.60 9.54
CA LEU A 426 19.77 4.64 9.34
C LEU A 426 18.65 4.93 10.35
N ILE A 427 18.81 6.05 11.07
CA ILE A 427 17.68 6.78 11.62
C ILE A 427 17.79 8.24 11.14
N ALA A 428 18.76 8.50 10.25
CA ALA A 428 18.95 9.79 9.58
C ALA A 428 18.85 9.70 8.04
N SER A 429 19.19 8.52 7.51
CA SER A 429 18.76 8.12 6.17
C SER A 429 17.25 8.12 6.23
N LEU A 430 16.74 7.57 7.35
CA LEU A 430 15.33 7.33 7.60
C LEU A 430 14.57 8.56 8.18
N THR A 431 15.29 9.61 8.52
CA THR A 431 14.62 10.87 8.84
C THR A 431 14.88 11.97 7.77
N ILE A 432 15.53 11.59 6.67
CA ILE A 432 15.47 12.40 5.42
C ILE A 432 14.23 12.00 4.59
N ALA A 433 13.42 11.11 5.17
CA ALA A 433 12.07 10.83 4.68
C ALA A 433 11.15 11.99 5.11
N ALA A 434 11.43 12.57 6.28
CA ALA A 434 10.76 13.78 6.74
C ALA A 434 10.64 14.75 5.58
N VAL A 435 11.53 14.56 4.59
CA VAL A 435 11.65 15.48 3.46
C VAL A 435 11.02 14.92 2.17
N ALA A 436 11.85 14.42 1.23
CA ALA A 436 11.45 14.08 -0.17
C ALA A 436 10.01 13.62 -0.32
N LEU A 437 9.61 12.78 0.62
CA LEU A 437 8.24 12.27 0.76
C LEU A 437 7.34 13.45 1.11
N VAL A 438 6.96 13.60 2.38
CA VAL A 438 6.11 14.73 2.76
C VAL A 438 6.60 16.10 2.21
N TRP A 439 7.57 16.03 1.27
CA TRP A 439 7.94 17.13 0.36
C TRP A 439 7.02 17.03 -0.80
N CYS A 440 7.14 15.96 -1.57
CA CYS A 440 6.08 15.62 -2.54
C CYS A 440 4.76 15.15 -1.75
N LEU A 441 4.13 16.14 -1.13
CA LEU A 441 2.86 16.02 -0.39
C LEU A 441 2.61 17.42 0.16
N GLU A 442 3.40 18.32 -0.45
CA GLU A 442 3.12 19.75 -0.53
C GLU A 442 3.72 20.33 -1.85
N LYS A 443 4.51 19.50 -2.57
CA LYS A 443 4.67 19.65 -4.03
C LYS A 443 3.37 19.08 -4.51
N TYR A 444 2.67 18.40 -3.62
CA TYR A 444 1.67 17.52 -4.09
C TYR A 444 0.21 17.72 -3.75
N SER A 445 -0.03 18.31 -2.58
CA SER A 445 -1.36 18.78 -2.25
C SER A 445 -1.44 20.13 -2.90
N MET A 446 -0.28 20.56 -3.39
CA MET A 446 -0.16 21.76 -4.19
C MET A 446 -0.15 21.46 -5.70
N GLU A 447 -0.66 20.29 -6.06
CA GLU A 447 -0.92 19.97 -7.47
C GLU A 447 -2.42 19.93 -7.75
N LEU A 448 -3.18 19.91 -6.66
CA LEU A 448 -4.62 19.97 -6.73
C LEU A 448 -5.01 21.39 -6.36
N VAL A 449 -4.25 22.27 -7.00
CA VAL A 449 -4.70 23.58 -7.39
C VAL A 449 -4.73 23.48 -8.92
N LYS A 450 -3.61 23.05 -9.52
CA LYS A 450 -3.45 22.84 -10.96
C LYS A 450 -4.63 22.05 -11.56
N SER A 451 -5.00 21.00 -10.84
CA SER A 451 -5.99 20.04 -11.30
C SER A 451 -7.40 20.40 -10.82
N HIS A 452 -7.50 21.30 -9.84
CA HIS A 452 -8.79 21.85 -9.40
C HIS A 452 -8.99 23.11 -10.16
N LYS A 453 -9.09 22.97 -11.47
CA LYS A 453 -9.14 24.11 -12.36
C LYS A 453 -10.55 24.68 -12.54
N ALA A 454 -11.29 24.78 -11.43
CA ALA A 454 -12.42 25.71 -11.31
C ALA A 454 -12.88 25.75 -9.86
N VAL A 455 -12.40 26.77 -9.12
CA VAL A 455 -12.38 26.85 -7.61
C VAL A 455 -13.68 26.47 -6.86
N SER A 456 -14.81 26.73 -7.53
CA SER A 456 -16.18 26.47 -7.03
C SER A 456 -17.20 26.69 -8.16
N SER A 457 -18.50 26.68 -7.85
CA SER A 457 -19.56 26.90 -8.86
C SER A 457 -20.65 27.87 -8.39
N GLY A 458 -21.87 27.68 -8.87
CA GLY A 458 -22.98 28.57 -8.53
C GLY A 458 -24.01 27.98 -7.59
N LEU A 459 -25.27 28.33 -7.82
CA LEU A 459 -26.40 27.81 -7.04
C LEU A 459 -27.68 27.78 -7.88
N VAL B 9 -37.75 29.16 -15.08
CA VAL B 9 -37.41 29.84 -13.79
C VAL B 9 -36.44 28.96 -12.96
N SER B 10 -35.14 29.07 -13.27
CA SER B 10 -34.11 28.24 -12.61
C SER B 10 -32.68 28.87 -12.52
N SER B 11 -31.69 28.03 -12.23
CA SER B 11 -30.26 28.40 -12.16
C SER B 11 -29.43 27.55 -13.18
N VAL B 12 -28.12 27.39 -12.97
CA VAL B 12 -27.25 26.81 -14.02
C VAL B 12 -26.92 25.31 -13.89
N PRO B 13 -26.47 24.64 -14.98
CA PRO B 13 -25.62 23.46 -14.96
C PRO B 13 -24.43 23.56 -14.00
N THR B 14 -24.66 23.46 -12.69
CA THR B 14 -23.78 24.06 -11.64
C THR B 14 -22.57 23.28 -11.05
N LYS B 15 -21.54 23.06 -11.85
CA LYS B 15 -20.18 22.79 -11.37
C LYS B 15 -19.20 23.52 -12.28
N LEU B 16 -17.94 23.51 -11.87
CA LEU B 16 -16.86 24.11 -12.64
C LEU B 16 -15.62 23.24 -12.51
N GLU B 17 -15.01 22.84 -13.62
CA GLU B 17 -13.81 22.00 -13.56
C GLU B 17 -13.15 21.87 -14.90
N VAL B 18 -11.85 22.10 -14.94
CA VAL B 18 -11.10 21.99 -16.18
C VAL B 18 -9.87 21.10 -16.00
N VAL B 19 -9.75 20.54 -14.79
CA VAL B 19 -8.55 19.83 -14.26
C VAL B 19 -7.22 20.10 -15.01
N ALA B 20 -7.05 19.45 -16.15
CA ALA B 20 -5.83 19.54 -16.93
C ALA B 20 -6.11 19.91 -18.38
N ALA B 21 -5.08 20.43 -19.01
CA ALA B 21 -5.06 20.60 -20.44
C ALA B 21 -4.34 19.40 -21.08
N THR B 22 -4.18 19.46 -22.40
CA THR B 22 -3.23 18.62 -23.13
C THR B 22 -2.14 19.57 -23.66
N PRO B 23 -1.74 20.54 -22.82
CA PRO B 23 -1.23 21.87 -23.11
C PRO B 23 -1.63 22.54 -24.41
N THR B 24 -2.19 21.77 -25.35
CA THR B 24 -2.83 22.38 -26.50
C THR B 24 -4.34 22.46 -26.26
N SER B 25 -4.97 21.33 -25.91
CA SER B 25 -6.40 21.34 -25.60
C SER B 25 -6.72 21.16 -24.12
N LEU B 26 -7.95 20.77 -23.81
CA LEU B 26 -8.42 20.79 -22.44
C LEU B 26 -9.68 19.95 -22.15
N LEU B 27 -9.66 19.27 -21.01
CA LEU B 27 -10.83 18.53 -20.56
C LEU B 27 -11.65 19.47 -19.73
N ILE B 28 -12.96 19.44 -20.00
CA ILE B 28 -13.95 20.16 -19.21
C ILE B 28 -14.91 19.13 -18.63
N SER B 29 -14.98 19.04 -17.31
CA SER B 29 -15.79 17.98 -16.73
C SER B 29 -16.69 18.56 -15.68
N TRP B 30 -17.83 19.07 -16.09
CA TRP B 30 -18.68 19.78 -15.16
C TRP B 30 -19.89 19.00 -14.77
N ASP B 31 -20.85 19.65 -14.13
CA ASP B 31 -22.01 18.95 -13.64
C ASP B 31 -23.05 18.79 -14.73
N ALA B 32 -23.83 17.70 -14.60
CA ALA B 32 -25.02 17.40 -15.39
C ALA B 32 -25.75 16.18 -14.80
N ARG B 33 -26.62 16.41 -13.81
CA ARG B 33 -27.35 15.31 -13.14
C ARG B 33 -28.56 14.81 -13.96
N GLY B 34 -28.29 13.99 -14.99
CA GLY B 34 -29.26 13.68 -16.05
C GLY B 34 -29.03 14.62 -17.23
N GLU B 35 -30.10 15.21 -17.77
CA GLU B 35 -30.03 16.34 -18.76
C GLU B 35 -31.07 17.36 -18.27
N TYR B 36 -31.62 18.18 -19.17
CA TYR B 36 -33.04 18.23 -18.99
C TYR B 36 -33.96 17.71 -20.07
N VAL B 37 -34.43 18.54 -20.99
CA VAL B 37 -34.96 17.89 -22.15
C VAL B 37 -33.76 17.21 -22.81
N VAL B 38 -32.56 17.85 -22.82
CA VAL B 38 -31.40 17.22 -23.48
C VAL B 38 -30.12 17.94 -23.92
N TYR B 39 -29.46 18.77 -23.15
CA TYR B 39 -28.57 19.54 -24.05
C TYR B 39 -27.47 20.42 -23.56
N TYR B 40 -26.39 20.40 -24.34
CA TYR B 40 -25.32 21.33 -24.08
C TYR B 40 -24.83 21.89 -25.39
N ARG B 41 -24.70 23.20 -25.32
CA ARG B 41 -23.96 24.01 -26.24
C ARG B 41 -23.03 24.56 -25.24
N ILE B 42 -21.77 24.70 -25.64
CA ILE B 42 -20.71 25.19 -24.78
C ILE B 42 -19.94 26.28 -25.54
N THR B 43 -19.85 27.49 -24.97
CA THR B 43 -19.09 28.60 -25.59
C THR B 43 -17.63 28.22 -25.86
N TYR B 44 -16.91 29.03 -26.62
CA TYR B 44 -15.54 28.70 -26.98
C TYR B 44 -14.85 29.96 -27.32
N GLY B 45 -14.05 30.46 -26.41
CA GLY B 45 -13.27 31.65 -26.73
C GLY B 45 -12.33 32.10 -25.64
N GLU B 46 -11.36 32.93 -26.03
CA GLU B 46 -10.54 33.64 -25.04
C GLU B 46 -11.40 34.58 -24.20
N THR B 47 -10.73 35.43 -23.44
CA THR B 47 -11.46 36.50 -22.78
C THR B 47 -11.03 37.78 -23.45
N GLY B 48 -10.06 37.65 -24.36
CA GLY B 48 -9.56 38.79 -25.14
C GLY B 48 -10.64 39.73 -25.68
N GLY B 49 -11.69 39.16 -26.28
CA GLY B 49 -12.73 39.96 -26.93
C GLY B 49 -12.67 39.86 -28.44
N ASN B 50 -11.51 39.44 -28.95
CA ASN B 50 -11.25 39.27 -30.39
C ASN B 50 -11.73 37.92 -30.94
N SER B 51 -10.77 37.11 -31.40
CA SER B 51 -10.90 35.67 -31.74
C SER B 51 -12.28 35.04 -31.42
N PRO B 52 -13.29 35.29 -32.28
CA PRO B 52 -14.69 34.98 -32.06
C PRO B 52 -15.04 33.72 -31.23
N VAL B 53 -16.25 33.78 -30.67
CA VAL B 53 -16.84 32.71 -29.89
C VAL B 53 -17.14 31.53 -30.80
N GLN B 54 -16.95 30.31 -30.31
CA GLN B 54 -17.34 29.11 -31.09
C GLN B 54 -18.08 28.01 -30.30
N GLU B 55 -18.41 26.92 -30.98
CA GLU B 55 -19.36 25.98 -30.39
C GLU B 55 -19.00 24.48 -30.40
N PHE B 56 -18.82 23.93 -29.20
CA PHE B 56 -18.97 22.48 -28.99
C PHE B 56 -20.44 22.32 -28.67
N THR B 57 -21.01 21.18 -29.08
CA THR B 57 -22.39 20.81 -28.73
C THR B 57 -22.62 19.31 -28.30
N VAL B 58 -23.15 19.09 -27.09
CA VAL B 58 -23.30 17.70 -26.52
C VAL B 58 -24.62 17.31 -25.88
N PRO B 59 -24.76 16.00 -25.59
CA PRO B 59 -25.99 15.30 -25.14
C PRO B 59 -26.24 15.12 -23.64
N GLY B 60 -26.50 13.88 -23.23
CA GLY B 60 -27.05 13.45 -21.92
C GLY B 60 -26.63 14.11 -20.62
N SER B 61 -25.93 13.39 -19.74
CA SER B 61 -25.37 13.97 -18.47
C SER B 61 -23.95 14.50 -18.74
N SER B 62 -23.71 14.66 -20.05
CA SER B 62 -22.42 14.97 -20.69
C SER B 62 -22.22 16.45 -21.05
N SER B 63 -22.03 17.29 -20.02
CA SER B 63 -21.33 18.58 -20.13
C SER B 63 -19.85 18.31 -19.77
N THR B 64 -19.64 17.01 -19.45
CA THR B 64 -18.38 16.32 -19.01
C THR B 64 -17.43 15.89 -20.16
N ALA B 65 -17.33 16.76 -21.18
CA ALA B 65 -16.51 16.53 -22.39
C ALA B 65 -15.18 17.31 -22.40
N THR B 66 -14.69 17.67 -23.59
CA THR B 66 -13.30 18.10 -23.73
C THR B 66 -13.04 18.80 -25.05
N ILE B 67 -12.37 19.95 -25.00
CA ILE B 67 -12.23 20.83 -26.19
C ILE B 67 -11.12 20.36 -27.13
N SER B 68 -10.80 21.19 -28.14
CA SER B 68 -9.77 20.94 -29.18
C SER B 68 -8.64 21.99 -29.16
N GLY B 69 -8.49 22.61 -27.99
CA GLY B 69 -7.78 23.91 -27.75
C GLY B 69 -6.70 24.49 -28.63
N LEU B 70 -6.96 24.52 -29.94
CA LEU B 70 -5.99 24.92 -30.95
C LEU B 70 -4.78 25.71 -30.43
N SER B 71 -4.95 27.02 -30.19
CA SER B 71 -3.84 27.94 -29.82
C SER B 71 -3.21 27.67 -28.44
N PRO B 72 -2.17 28.46 -28.05
CA PRO B 72 -1.26 28.02 -26.99
C PRO B 72 -1.63 28.46 -25.56
N GLY B 73 -0.73 29.21 -24.92
CA GLY B 73 -0.89 29.60 -23.52
C GLY B 73 -2.06 30.51 -23.15
N VAL B 74 -2.57 31.25 -24.14
CA VAL B 74 -3.52 32.37 -23.96
C VAL B 74 -4.82 32.10 -23.17
N ASP B 75 -5.24 33.08 -22.35
CA ASP B 75 -6.43 32.95 -21.50
C ASP B 75 -7.63 32.69 -22.35
N TYR B 76 -8.33 31.62 -22.02
CA TYR B 76 -9.54 31.20 -22.68
C TYR B 76 -10.66 31.21 -21.66
N THR B 77 -11.79 31.83 -21.98
CA THR B 77 -12.98 31.76 -21.12
C THR B 77 -14.00 30.85 -21.72
N ILE B 78 -14.68 30.06 -20.91
CA ILE B 78 -15.54 29.04 -21.50
C ILE B 78 -16.79 28.61 -20.71
N THR B 79 -17.94 29.00 -21.26
CA THR B 79 -19.27 28.77 -20.68
C THR B 79 -19.84 27.46 -21.18
N VAL B 80 -20.89 27.02 -20.49
CA VAL B 80 -21.67 25.89 -20.89
C VAL B 80 -23.16 26.26 -20.84
N TYR B 81 -24.00 25.41 -21.44
CA TYR B 81 -25.43 25.68 -21.57
C TYR B 81 -26.32 24.44 -21.49
N ALA B 82 -27.35 24.62 -20.65
CA ALA B 82 -28.51 23.73 -20.52
C ALA B 82 -29.61 24.03 -21.58
N ARG B 83 -30.44 23.03 -21.88
CA ARG B 83 -31.68 23.24 -22.64
C ARG B 83 -32.72 22.28 -22.15
N SER B 84 -33.97 22.72 -22.12
CA SER B 84 -34.95 22.06 -21.27
C SER B 84 -36.35 21.90 -21.83
N TYR B 85 -37.22 21.26 -21.05
CA TYR B 85 -38.67 21.51 -21.04
C TYR B 85 -39.12 22.43 -22.17
N TYR B 86 -38.96 23.72 -21.94
CA TYR B 86 -39.03 24.70 -23.00
C TYR B 86 -37.72 24.52 -23.74
N TRP B 87 -37.84 24.32 -25.04
CA TRP B 87 -36.74 24.21 -25.97
C TRP B 87 -35.71 25.34 -25.82
N GLY B 88 -35.85 26.14 -24.77
CA GLY B 88 -34.92 27.24 -24.42
C GLY B 88 -33.99 26.87 -23.27
N TRP B 89 -33.19 27.84 -22.83
CA TRP B 89 -31.96 27.59 -22.02
C TRP B 89 -32.01 27.84 -20.51
N TYR B 90 -31.69 26.80 -19.74
CA TYR B 90 -31.93 26.78 -18.29
C TYR B 90 -31.08 27.76 -17.51
N SER B 91 -29.78 27.58 -17.54
CA SER B 91 -28.95 28.73 -17.26
C SER B 91 -27.54 28.56 -17.83
N PRO B 92 -26.78 29.63 -17.85
CA PRO B 92 -25.45 29.35 -18.28
C PRO B 92 -24.54 29.37 -17.07
N ILE B 93 -23.35 28.80 -17.24
CA ILE B 93 -22.32 28.82 -16.20
C ILE B 93 -20.91 28.86 -16.82
N SER B 94 -20.07 29.81 -16.39
CA SER B 94 -18.73 30.00 -16.99
C SER B 94 -17.48 30.14 -16.09
N ILE B 95 -16.35 29.62 -16.60
CA ILE B 95 -15.01 29.90 -16.06
C ILE B 95 -14.08 30.29 -17.19
N ASN B 96 -12.91 30.81 -16.83
CA ASN B 96 -11.93 31.35 -17.77
C ASN B 96 -10.53 30.73 -17.84
N TYR B 97 -10.25 29.69 -17.04
CA TYR B 97 -8.85 29.28 -16.79
C TYR B 97 -8.05 28.53 -17.87
N ARG B 98 -7.24 29.34 -18.56
CA ARG B 98 -6.51 29.04 -19.79
C ARG B 98 -5.61 27.81 -19.85
N THR B 99 -4.46 27.96 -20.52
CA THR B 99 -3.52 26.88 -20.76
C THR B 99 -2.92 26.31 -19.46
C1 ET C . 15.33 -15.20 9.88
C2 ET C . 16.05 -16.19 10.55
C3 ET C . 15.59 -16.72 11.76
C4 ET C . 14.39 -16.26 12.34
N5 ET C . 12.36 -14.77 12.30
C6 ET C . 11.61 -13.80 11.66
C7 ET C . 11.30 -12.20 9.73
C8 ET C . 11.74 -11.65 8.53
C9 ET C . 12.93 -12.09 7.94
C10 ET C . 13.73 -13.07 8.52
C11 ET C . 12.06 -13.19 10.37
C12 ET C . 13.34 -13.65 9.74
C13 ET C . 14.13 -14.72 10.42
C14 ET C . 13.60 -15.26 11.72
C15 ET C . 10.34 -13.22 12.18
C16 ET C . 9.09 -13.77 11.92
C17 ET C . 7.95 -13.14 12.41
C18 ET C . 8.04 -11.97 13.16
C19 ET C . 9.29 -11.41 13.41
C20 ET C . 10.43 -12.03 12.91
C21 ET C . 11.87 -15.33 13.57
C22 ET C . 10.90 -16.48 13.35
N23 ET C . 16.31 -17.68 12.38
N24 ET C . 11.02 -10.70 7.90
#